data_3HHE
#
_entry.id   3HHE
#
_cell.length_a   40.190
_cell.length_b   79.584
_cell.length_c   151.127
_cell.angle_alpha   90.000
_cell.angle_beta   90.000
_cell.angle_gamma   90.000
#
_symmetry.space_group_name_H-M   'P 21 21 21'
#
loop_
_entity.id
_entity.type
_entity.pdbx_description
1 polymer 'Ribose-5-phosphate isomerase A'
2 non-polymer RIBULOSE-5-PHOSPHATE
3 non-polymer 'POTASSIUM ION'
4 non-polymer 'CHLORIDE ION'
5 water water
#
_entity_poly.entity_id   1
_entity_poly.type   'polypeptide(L)'
_entity_poly.pdbx_seq_one_letter_code
;MAHHHHHHMGTLEAQTQGPGSMNVQQLKKMAALKALEFVEDDMRLGIGSGSTVNEFIPLLGERVANGLRVTCVATSQYSE
QLCHKFGVPISTLEKIPELDLDIDGADEIGPEMTLIKGGGGALLHEKIVASASRAMFVIADETKMVKTLGAFALPIEVNP
FGIHATRIAIEKAADNLGLSGEITLRMNGDDPFKTDGGHFIFDAFWGRILQPKLLSEALLAIPGVVEHGLFLGLASRAIV
AMADSQIKVLEPFDF
;
_entity_poly.pdbx_strand_id   A,B
#
loop_
_chem_comp.id
_chem_comp.type
_chem_comp.name
_chem_comp.formula
5RP saccharide RIBULOSE-5-PHOSPHATE 'C5 H11 O8 P'
CL non-polymer 'CHLORIDE ION' 'Cl -1'
K non-polymer 'POTASSIUM ION' 'K 1'
#
# COMPACT_ATOMS: atom_id res chain seq x y z
N ASN A 23 23.63 29.72 -4.90
CA ASN A 23 22.40 30.06 -5.71
C ASN A 23 21.11 29.35 -5.26
N VAL A 24 20.90 28.10 -5.67
CA VAL A 24 19.74 27.37 -5.14
C VAL A 24 19.94 27.00 -3.68
N GLN A 25 21.17 26.64 -3.32
CA GLN A 25 21.52 26.34 -1.93
C GLN A 25 21.18 27.57 -1.08
N GLN A 26 21.30 28.74 -1.70
CA GLN A 26 21.00 29.98 -1.02
C GLN A 26 19.50 30.05 -0.84
N LEU A 27 18.78 29.83 -1.94
CA LEU A 27 17.33 29.83 -1.90
C LEU A 27 16.74 28.84 -0.89
N LYS A 28 17.34 27.64 -0.80
CA LYS A 28 16.90 26.62 0.15
C LYS A 28 17.07 27.06 1.61
N LYS A 29 18.23 27.66 1.90
CA LYS A 29 18.50 28.15 3.24
C LYS A 29 17.58 29.31 3.64
N MET A 30 17.32 30.21 2.70
CA MET A 30 16.38 31.30 2.92
C MET A 30 15.01 30.74 3.23
N ALA A 31 14.56 29.78 2.41
CA ALA A 31 13.27 29.14 2.62
C ALA A 31 13.22 28.50 4.00
N ALA A 32 14.30 27.79 4.35
CA ALA A 32 14.39 27.13 5.68
C ALA A 32 14.34 28.11 6.87
N LEU A 33 15.03 29.24 6.75
CA LEU A 33 15.07 30.24 7.85
C LEU A 33 13.70 30.77 8.10
N LYS A 34 12.99 31.10 7.03
CA LYS A 34 11.63 31.63 7.12
C LYS A 34 10.68 30.60 7.69
N ALA A 35 10.75 29.35 7.22
CA ALA A 35 9.87 28.30 7.81
C ALA A 35 10.11 28.13 9.30
N LEU A 36 11.37 28.28 9.71
CA LEU A 36 11.73 28.16 11.13
C LEU A 36 11.00 29.15 12.09
N GLU A 37 10.61 30.31 11.57
CA GLU A 37 9.83 31.30 12.32
C GLU A 37 8.45 30.82 12.80
N PHE A 38 7.90 29.80 12.14
CA PHE A 38 6.60 29.25 12.57
C PHE A 38 6.76 28.19 13.65
N VAL A 39 8.00 27.86 13.99
CA VAL A 39 8.22 26.81 14.98
C VAL A 39 8.20 27.44 16.38
N GLU A 40 7.31 26.95 17.23
CA GLU A 40 7.17 27.46 18.59
C GLU A 40 7.40 26.40 19.65
N ASP A 41 7.60 26.85 20.89
CA ASP A 41 7.90 25.98 22.04
C ASP A 41 6.83 24.93 22.26
N ASP A 42 7.28 23.74 22.63
CA ASP A 42 6.42 22.59 22.98
C ASP A 42 5.66 22.03 21.78
N MET A 43 6.13 22.36 20.57
CA MET A 43 5.56 21.79 19.36
C MET A 43 6.11 20.40 19.08
N ARG A 44 5.24 19.53 18.60
CA ARG A 44 5.69 18.25 18.09
C ARG A 44 5.80 18.38 16.54
N LEU A 45 6.98 18.09 16.01
CA LEU A 45 7.29 18.34 14.62
C LEU A 45 7.57 17.08 13.83
N GLY A 46 7.04 17.03 12.62
CA GLY A 46 7.50 16.08 11.60
C GLY A 46 8.66 16.70 10.86
N ILE A 47 9.72 15.93 10.67
CA ILE A 47 10.88 16.40 9.92
C ILE A 47 11.09 15.62 8.60
N GLY A 48 10.92 16.31 7.48
CA GLY A 48 11.07 15.72 6.15
C GLY A 48 12.48 15.36 5.74
N SER A 49 12.73 15.22 4.43
CA SER A 49 14.04 14.77 3.96
C SER A 49 14.42 15.47 2.67
N GLY A 50 15.70 15.46 2.33
CA GLY A 50 16.16 16.06 1.07
C GLY A 50 17.00 17.29 1.35
N SER A 51 17.61 17.84 0.31
CA SER A 51 18.66 18.83 0.49
C SER A 51 18.12 20.08 1.15
N THR A 52 16.87 20.48 0.85
CA THR A 52 16.25 21.66 1.44
C THR A 52 16.00 21.48 2.96
N VAL A 53 15.50 20.30 3.34
CA VAL A 53 15.32 19.97 4.76
C VAL A 53 16.67 19.84 5.48
N ASN A 54 17.72 19.46 4.77
CA ASN A 54 19.06 19.39 5.40
C ASN A 54 19.62 20.77 5.76
N GLU A 55 19.13 21.83 5.11
CA GLU A 55 19.47 23.20 5.52
C GLU A 55 18.66 23.68 6.70
N PHE A 56 17.50 23.06 6.91
CA PHE A 56 16.58 23.46 7.98
C PHE A 56 16.93 22.86 9.34
N ILE A 57 17.41 21.62 9.34
CA ILE A 57 17.67 20.89 10.57
C ILE A 57 18.76 21.55 11.41
N PRO A 58 19.91 21.90 10.82
CA PRO A 58 20.85 22.54 11.74
C PRO A 58 20.33 23.88 12.32
N LEU A 59 19.65 24.68 11.49
CA LEU A 59 19.06 25.93 11.97
C LEU A 59 18.13 25.70 13.16
N LEU A 60 17.30 24.65 13.05
CA LEU A 60 16.47 24.23 14.14
C LEU A 60 17.29 23.87 15.36
N GLY A 61 18.38 23.12 15.15
CA GLY A 61 19.24 22.75 16.28
C GLY A 61 19.87 23.98 16.92
N GLU A 62 20.25 24.98 16.13
CA GLU A 62 20.78 26.23 16.73
C GLU A 62 19.75 26.86 17.67
N ARG A 63 18.48 26.77 17.31
CA ARG A 63 17.41 27.33 18.13
C ARG A 63 17.20 26.53 19.40
N VAL A 64 17.36 25.21 19.28
CA VAL A 64 17.22 24.30 20.41
C VAL A 64 18.33 24.52 21.42
N ALA A 65 19.53 24.82 20.94
CA ALA A 65 20.65 25.09 21.82
C ALA A 65 20.45 26.42 22.53
N ASN A 66 19.55 27.27 22.00
CA ASN A 66 19.23 28.54 22.67
C ASN A 66 17.88 28.54 23.40
N GLY A 67 17.35 27.36 23.71
CA GLY A 67 16.15 27.28 24.54
C GLY A 67 14.86 26.73 23.94
N LEU A 68 14.73 26.73 22.61
CA LEU A 68 13.49 26.21 21.97
C LEU A 68 13.21 24.74 22.34
N ARG A 69 11.98 24.47 22.77
CA ARG A 69 11.58 23.11 23.14
C ARG A 69 10.73 22.51 22.03
N VAL A 70 11.22 21.44 21.42
CA VAL A 70 10.50 20.67 20.38
C VAL A 70 10.85 19.20 20.50
N THR A 71 9.95 18.35 20.00
CA THR A 71 10.16 16.91 19.86
C THR A 71 9.82 16.58 18.42
N CYS A 72 10.70 15.82 17.77
CA CYS A 72 10.61 15.64 16.34
C CYS A 72 10.49 14.19 15.93
N VAL A 73 9.72 13.95 14.88
CA VAL A 73 9.75 12.67 14.20
C VAL A 73 10.42 12.80 12.83
N ALA A 74 11.52 12.08 12.64
CA ALA A 74 12.27 12.10 11.38
C ALA A 74 11.65 11.15 10.35
N THR A 75 11.85 11.48 9.07
CA THR A 75 11.25 10.68 8.00
C THR A 75 12.25 9.83 7.20
N SER A 76 13.52 9.86 7.59
CA SER A 76 14.55 9.09 6.91
C SER A 76 15.74 8.93 7.85
N GLN A 77 16.65 8.04 7.50
CA GLN A 77 17.85 7.83 8.32
C GLN A 77 18.79 9.04 8.31
N TYR A 78 18.98 9.64 7.14
CA TYR A 78 19.81 10.83 7.04
C TYR A 78 19.20 12.05 7.75
N SER A 79 17.89 12.28 7.59
CA SER A 79 17.23 13.29 8.45
C SER A 79 17.41 12.98 9.93
N GLU A 80 17.32 11.72 10.32
CA GLU A 80 17.46 11.40 11.75
C GLU A 80 18.89 11.62 12.26
N GLN A 81 19.86 11.24 11.45
CA GLN A 81 21.26 11.42 11.73
C GLN A 81 21.53 12.91 11.99
N LEU A 82 21.10 13.75 11.05
CA LEU A 82 21.26 15.19 11.17
C LEU A 82 20.61 15.75 12.43
N CYS A 83 19.46 15.19 12.81
CA CYS A 83 18.80 15.66 14.01
C CYS A 83 19.67 15.40 15.26
N HIS A 84 20.18 14.18 15.37
CA HIS A 84 21.06 13.81 16.48
C HIS A 84 22.31 14.69 16.50
N LYS A 85 22.96 14.81 15.34
CA LYS A 85 24.13 15.62 15.20
C LYS A 85 23.95 17.08 15.66
N PHE A 86 22.77 17.65 15.42
CA PHE A 86 22.54 19.05 15.75
C PHE A 86 21.65 19.25 16.94
N GLY A 87 21.53 18.22 17.77
CA GLY A 87 20.82 18.36 19.04
C GLY A 87 19.32 18.57 19.00
N VAL A 88 18.68 18.14 17.91
CA VAL A 88 17.22 18.19 17.79
C VAL A 88 16.61 16.92 18.42
N PRO A 89 15.83 17.06 19.51
CA PRO A 89 15.25 15.88 20.16
C PRO A 89 14.33 15.10 19.22
N ILE A 90 14.45 13.77 19.30
CA ILE A 90 13.89 12.80 18.38
C ILE A 90 13.00 11.86 19.17
N SER A 91 11.81 11.62 18.67
CA SER A 91 10.89 10.64 19.25
C SER A 91 10.33 9.81 18.09
N THR A 92 9.22 9.13 18.29
CA THR A 92 8.61 8.31 17.26
C THR A 92 7.12 8.57 17.24
N LEU A 93 6.47 8.15 16.15
CA LEU A 93 5.02 8.23 16.03
C LEU A 93 4.31 7.26 16.94
N GLU A 94 5.02 6.26 17.45
CA GLU A 94 4.41 5.42 18.49
C GLU A 94 4.15 6.29 19.72
N LYS A 95 5.17 7.04 20.14
CA LYS A 95 5.02 7.92 21.29
C LYS A 95 4.21 9.19 21.01
N ILE A 96 4.40 9.80 19.84
CA ILE A 96 3.58 10.97 19.47
C ILE A 96 2.83 10.80 18.13
N PRO A 97 1.66 10.14 18.17
CA PRO A 97 0.92 9.80 16.95
C PRO A 97 0.39 11.02 16.16
N GLU A 98 0.10 12.12 16.85
CA GLU A 98 -0.39 13.34 16.20
C GLU A 98 0.61 14.50 16.38
N LEU A 99 1.12 15.02 15.28
CA LEU A 99 2.10 16.10 15.27
C LEU A 99 1.41 17.43 14.97
N ASP A 100 2.01 18.52 15.44
CA ASP A 100 1.49 19.88 15.18
C ASP A 100 1.80 20.36 13.78
N LEU A 101 3.02 20.09 13.32
CA LEU A 101 3.52 20.67 12.09
C LEU A 101 4.55 19.81 11.44
N ASP A 102 4.39 19.58 10.15
CA ASP A 102 5.39 18.88 9.35
C ASP A 102 6.15 19.84 8.45
N ILE A 103 7.47 19.69 8.40
CA ILE A 103 8.31 20.52 7.57
C ILE A 103 9.08 19.65 6.60
N ASP A 104 8.79 19.82 5.32
CA ASP A 104 9.34 18.95 4.30
C ASP A 104 9.58 19.71 3.01
N GLY A 105 10.31 19.07 2.11
CA GLY A 105 10.55 19.60 0.79
C GLY A 105 9.59 18.95 -0.19
N ALA A 106 9.77 19.26 -1.47
CA ALA A 106 9.05 18.59 -2.56
C ALA A 106 9.89 18.64 -3.82
N ASP A 107 9.71 17.64 -4.68
CA ASP A 107 10.40 17.57 -5.96
C ASP A 107 9.64 18.47 -6.91
N GLU A 108 8.32 18.55 -6.71
CA GLU A 108 7.45 19.46 -7.48
C GLU A 108 6.31 19.97 -6.62
N ILE A 109 5.90 21.22 -6.87
CA ILE A 109 4.70 21.83 -6.26
C ILE A 109 3.81 22.40 -7.38
N GLY A 110 2.67 21.77 -7.62
CA GLY A 110 1.75 22.14 -8.71
C GLY A 110 0.40 22.65 -8.21
N PRO A 111 -0.65 22.62 -9.08
CA PRO A 111 -2.00 23.10 -8.78
C PRO A 111 -2.56 22.64 -7.44
N GLU A 112 -3.24 23.56 -6.76
CA GLU A 112 -3.72 23.31 -5.39
C GLU A 112 -2.63 22.81 -4.44
N MET A 113 -1.36 23.04 -4.81
CA MET A 113 -0.23 22.62 -3.97
C MET A 113 -0.22 21.08 -3.83
N THR A 114 -0.57 20.42 -4.93
CA THR A 114 -0.34 19.00 -5.06
C THR A 114 1.17 18.90 -5.23
N LEU A 115 1.77 17.87 -4.63
CA LEU A 115 3.22 17.70 -4.71
C LEU A 115 3.60 16.41 -5.40
N ILE A 116 4.82 16.39 -5.92
CA ILE A 116 5.50 15.14 -6.15
C ILE A 116 6.68 15.09 -5.16
N LYS A 117 6.83 13.95 -4.52
CA LYS A 117 7.91 13.74 -3.58
C LYS A 117 8.41 12.33 -3.74
N GLY A 118 9.59 12.06 -3.20
CA GLY A 118 10.12 10.72 -3.14
C GLY A 118 11.34 10.52 -4.01
N GLY A 119 11.83 11.61 -4.62
CA GLY A 119 13.05 11.52 -5.43
C GLY A 119 14.25 10.95 -4.65
N GLY A 120 14.27 11.17 -3.34
CA GLY A 120 15.36 10.66 -2.48
C GLY A 120 15.02 9.29 -1.90
N GLY A 121 13.84 8.78 -2.22
CA GLY A 121 13.39 7.47 -1.73
C GLY A 121 12.71 7.40 -0.36
N ALA A 122 12.41 8.54 0.27
CA ALA A 122 11.80 8.50 1.60
C ALA A 122 10.26 8.68 1.64
N LEU A 123 9.59 8.58 0.50
CA LEU A 123 8.19 9.03 0.40
C LEU A 123 7.21 8.37 1.36
N LEU A 124 7.43 7.10 1.69
CA LEU A 124 6.49 6.39 2.52
C LEU A 124 6.42 7.00 3.90
N HIS A 125 7.57 7.04 4.57
CA HIS A 125 7.66 7.67 5.89
C HIS A 125 7.23 9.13 5.85
N GLU A 126 7.65 9.86 4.82
CA GLU A 126 7.22 11.24 4.61
C GLU A 126 5.71 11.39 4.51
N LYS A 127 5.05 10.44 3.85
CA LYS A 127 3.64 10.61 3.55
C LYS A 127 2.84 10.28 4.82
N ILE A 128 3.27 9.23 5.52
CA ILE A 128 2.72 8.85 6.82
C ILE A 128 2.88 10.02 7.80
N VAL A 129 4.08 10.59 7.89
CA VAL A 129 4.31 11.72 8.80
C VAL A 129 3.44 12.94 8.45
N ALA A 130 3.31 13.23 7.16
CA ALA A 130 2.45 14.35 6.73
C ALA A 130 0.97 14.17 7.13
N SER A 131 0.45 12.95 7.00
CA SER A 131 -0.91 12.59 7.36
C SER A 131 -1.14 12.61 8.87
N ALA A 132 -0.08 12.46 9.63
CA ALA A 132 -0.16 12.46 11.08
C ALA A 132 -0.04 13.89 11.64
N SER A 133 0.10 14.88 10.76
CA SER A 133 0.36 16.27 11.19
C SER A 133 -0.85 17.18 10.96
N ARG A 134 -1.06 18.12 11.88
CA ARG A 134 -2.13 19.10 11.74
C ARG A 134 -1.89 20.02 10.56
N ALA A 135 -0.63 20.24 10.23
CA ALA A 135 -0.27 21.10 9.09
C ALA A 135 1.03 20.63 8.47
N MET A 136 1.11 20.72 7.14
CA MET A 136 2.35 20.41 6.44
C MET A 136 2.81 21.64 5.70
N PHE A 137 4.00 22.11 6.04
CA PHE A 137 4.61 23.25 5.35
C PHE A 137 5.68 22.69 4.43
N VAL A 138 5.65 23.10 3.17
CA VAL A 138 6.70 22.73 2.23
C VAL A 138 7.72 23.87 2.13
N ILE A 139 9.00 23.53 2.26
CA ILE A 139 10.11 24.46 2.00
C ILE A 139 10.77 24.17 0.64
N ALA A 140 10.95 25.22 -0.16
CA ALA A 140 11.44 25.08 -1.53
C ALA A 140 12.03 26.35 -2.11
N ASP A 141 12.98 26.17 -3.01
CA ASP A 141 13.41 27.21 -3.95
C ASP A 141 12.45 27.27 -5.15
N GLU A 142 12.45 28.40 -5.86
CA GLU A 142 11.37 28.62 -6.84
C GLU A 142 11.24 27.61 -7.97
N THR A 143 12.31 26.86 -8.27
CA THR A 143 12.27 25.92 -9.41
C THR A 143 11.32 24.73 -9.21
N LYS A 144 10.86 24.54 -7.97
CA LYS A 144 10.02 23.41 -7.64
C LYS A 144 8.59 23.72 -8.03
N MET A 145 8.30 24.99 -8.28
CA MET A 145 6.96 25.42 -8.66
C MET A 145 6.67 25.18 -10.13
N VAL A 146 5.63 24.41 -10.42
CA VAL A 146 5.29 24.04 -11.80
C VAL A 146 3.85 24.35 -12.12
N LYS A 147 3.60 24.71 -13.38
CA LYS A 147 2.23 24.96 -13.82
C LYS A 147 1.45 23.65 -13.85
N THR A 148 2.10 22.58 -14.30
CA THR A 148 1.51 21.24 -14.32
C THR A 148 2.54 20.22 -13.81
N LEU A 149 2.06 19.29 -13.00
CA LEU A 149 2.90 18.20 -12.47
C LEU A 149 3.37 17.23 -13.56
N GLY A 150 4.54 16.60 -13.35
CA GLY A 150 4.88 15.37 -14.08
C GLY A 150 6.23 15.31 -14.76
N ALA A 151 6.79 16.47 -15.04
CA ALA A 151 8.12 16.57 -15.60
C ALA A 151 9.14 15.80 -14.73
N PHE A 152 8.91 15.78 -13.41
CA PHE A 152 9.73 14.99 -12.49
C PHE A 152 9.08 13.62 -12.44
N ALA A 153 9.85 12.59 -12.73
CA ALA A 153 9.33 11.21 -12.69
C ALA A 153 8.64 10.91 -11.36
N LEU A 154 7.43 10.35 -11.43
CA LEU A 154 6.65 10.04 -10.24
C LEU A 154 7.24 8.80 -9.60
N PRO A 155 7.57 8.87 -8.30
CA PRO A 155 8.00 7.63 -7.64
C PRO A 155 6.80 6.81 -7.12
N ILE A 156 6.96 5.49 -7.19
CA ILE A 156 5.92 4.54 -6.83
C ILE A 156 6.57 3.39 -6.06
N GLU A 157 6.24 3.33 -4.77
CA GLU A 157 6.77 2.36 -3.86
C GLU A 157 6.02 1.05 -4.10
N VAL A 158 6.75 -0.04 -4.31
CA VAL A 158 6.13 -1.31 -4.68
C VAL A 158 6.66 -2.49 -3.86
N ASN A 159 5.84 -3.52 -3.70
CA ASN A 159 6.27 -4.72 -3.03
C ASN A 159 7.19 -5.51 -3.92
N PRO A 160 8.27 -6.05 -3.35
CA PRO A 160 9.13 -6.95 -4.11
C PRO A 160 8.37 -8.15 -4.67
N PHE A 161 7.52 -8.80 -3.86
CA PHE A 161 6.74 -9.93 -4.34
C PHE A 161 5.88 -9.55 -5.55
N GLY A 162 6.09 -10.24 -6.66
CA GLY A 162 5.23 -10.09 -7.85
C GLY A 162 5.44 -8.74 -8.55
N ILE A 163 6.61 -8.17 -8.36
CA ILE A 163 6.93 -6.86 -8.91
C ILE A 163 6.77 -6.83 -10.44
N HIS A 164 7.14 -7.93 -11.11
CA HIS A 164 6.95 -8.00 -12.56
C HIS A 164 5.46 -7.79 -12.93
N ALA A 165 4.56 -8.43 -12.19
CA ALA A 165 3.13 -8.28 -12.45
C ALA A 165 2.66 -6.89 -12.04
N THR A 166 3.30 -6.34 -11.02
CA THR A 166 2.96 -4.99 -10.58
C THR A 166 3.36 -3.99 -11.65
N ARG A 167 4.53 -4.19 -12.24
CA ARG A 167 4.98 -3.39 -13.39
CA ARG A 167 4.95 -3.35 -13.37
C ARG A 167 3.93 -3.39 -14.51
N ILE A 168 3.51 -4.59 -14.93
CA ILE A 168 2.51 -4.70 -16.01
C ILE A 168 1.23 -3.93 -15.68
N ALA A 169 0.79 -4.02 -14.43
CA ALA A 169 -0.45 -3.34 -13.98
C ALA A 169 -0.32 -1.80 -14.01
N ILE A 170 0.87 -1.29 -13.72
CA ILE A 170 1.15 0.16 -13.79
C ILE A 170 1.24 0.60 -15.27
N GLU A 171 1.86 -0.23 -16.11
CA GLU A 171 1.83 0.04 -17.57
C GLU A 171 0.39 0.16 -18.09
N LYS A 172 -0.44 -0.83 -17.77
CA LYS A 172 -1.84 -0.84 -18.25
C LYS A 172 -2.66 0.32 -17.68
N ALA A 173 -2.51 0.61 -16.40
CA ALA A 173 -3.16 1.82 -15.83
C ALA A 173 -2.70 3.10 -16.56
N ALA A 174 -1.39 3.23 -16.81
CA ALA A 174 -0.86 4.37 -17.59
C ALA A 174 -1.51 4.46 -18.99
N ASP A 175 -1.60 3.34 -19.70
CA ASP A 175 -2.25 3.30 -21.00
C ASP A 175 -3.69 3.80 -20.93
N ASN A 176 -4.47 3.31 -19.96
CA ASN A 176 -5.88 3.68 -19.84
C ASN A 176 -6.04 5.16 -19.62
N LEU A 177 -5.12 5.76 -18.86
CA LEU A 177 -5.18 7.19 -18.55
C LEU A 177 -4.47 8.09 -19.55
N GLY A 178 -3.80 7.49 -20.54
CA GLY A 178 -3.14 8.25 -21.60
C GLY A 178 -1.82 8.81 -21.13
N LEU A 179 -1.06 8.01 -20.38
CA LEU A 179 0.26 8.41 -19.91
C LEU A 179 1.33 7.63 -20.64
N SER A 180 2.40 8.33 -21.02
CA SER A 180 3.50 7.73 -21.77
C SER A 180 4.84 8.04 -21.13
N GLY A 181 5.77 7.09 -21.24
CA GLY A 181 7.11 7.27 -20.72
C GLY A 181 7.62 5.96 -20.13
N GLU A 182 8.95 5.82 -20.09
CA GLU A 182 9.63 4.71 -19.46
C GLU A 182 9.21 4.57 -18.00
N ILE A 183 9.06 3.33 -17.55
CA ILE A 183 8.91 3.03 -16.13
C ILE A 183 10.15 2.23 -15.78
N THR A 184 10.92 2.74 -14.82
CA THR A 184 12.24 2.24 -14.47
C THR A 184 12.32 1.84 -13.01
N LEU A 185 12.90 0.67 -12.77
CA LEU A 185 13.17 0.23 -11.42
C LEU A 185 14.38 1.01 -10.89
N ARG A 186 14.22 1.67 -9.74
CA ARG A 186 15.34 2.42 -9.19
C ARG A 186 16.39 1.47 -8.62
N MET A 187 17.63 1.70 -9.05
CA MET A 187 18.75 0.82 -8.71
C MET A 187 19.69 1.48 -7.72
N ASN A 188 20.33 0.66 -6.89
CA ASN A 188 21.46 1.09 -6.11
C ASN A 188 22.68 0.30 -6.60
N GLY A 189 23.43 0.89 -7.53
CA GLY A 189 24.43 0.15 -8.27
C GLY A 189 23.71 -1.01 -8.94
N ASP A 190 24.10 -2.24 -8.58
CA ASP A 190 23.57 -3.46 -9.21
C ASP A 190 22.32 -4.06 -8.57
N ASP A 191 21.89 -3.55 -7.43
CA ASP A 191 20.68 -4.08 -6.78
C ASP A 191 19.53 -3.09 -6.89
N PRO A 192 18.27 -3.58 -6.77
CA PRO A 192 17.21 -2.58 -6.59
C PRO A 192 17.41 -1.80 -5.28
N PHE A 193 17.11 -0.50 -5.36
CA PHE A 193 17.06 0.31 -4.18
C PHE A 193 15.91 -0.16 -3.28
N LYS A 194 16.22 -0.29 -2.00
CA LYS A 194 15.27 -0.77 -1.02
C LYS A 194 14.99 0.33 0.00
N THR A 195 13.73 0.64 0.19
CA THR A 195 13.30 1.67 1.11
C THR A 195 13.40 1.18 2.55
N ASP A 196 13.32 2.13 3.47
CA ASP A 196 13.17 1.85 4.89
C ASP A 196 12.08 0.84 5.21
N GLY A 197 10.96 0.93 4.51
CA GLY A 197 9.85 0.02 4.73
C GLY A 197 10.06 -1.35 4.09
N GLY A 198 11.22 -1.55 3.48
CA GLY A 198 11.56 -2.79 2.80
C GLY A 198 10.96 -2.94 1.41
N HIS A 199 10.73 -1.83 0.74
CA HIS A 199 10.10 -1.93 -0.57
C HIS A 199 11.03 -1.50 -1.68
N PHE A 200 10.60 -1.70 -2.92
CA PHE A 200 11.33 -1.20 -4.09
C PHE A 200 10.56 0.01 -4.65
N ILE A 201 11.16 0.72 -5.59
CA ILE A 201 10.56 1.89 -6.15
C ILE A 201 10.67 1.84 -7.63
N PHE A 202 9.56 2.12 -8.29
CA PHE A 202 9.53 2.48 -9.70
C PHE A 202 9.48 3.97 -9.90
N ASP A 203 10.29 4.49 -10.81
CA ASP A 203 10.13 5.87 -11.25
C ASP A 203 9.47 5.93 -12.61
N ALA A 204 8.35 6.62 -12.68
CA ALA A 204 7.51 6.72 -13.88
C ALA A 204 7.69 8.07 -14.55
N PHE A 205 8.35 8.09 -15.70
CA PHE A 205 8.64 9.34 -16.39
C PHE A 205 7.49 9.71 -17.30
N TRP A 206 6.38 10.15 -16.72
CA TRP A 206 5.18 10.39 -17.52
C TRP A 206 5.08 11.80 -18.09
N GLY A 207 6.01 12.68 -17.69
CA GLY A 207 6.10 14.03 -18.25
C GLY A 207 5.01 15.03 -17.87
N ARG A 208 3.76 14.60 -17.89
CA ARG A 208 2.65 15.48 -17.51
C ARG A 208 1.53 14.68 -16.85
N ILE A 209 1.16 15.07 -15.63
CA ILE A 209 0.02 14.46 -14.93
C ILE A 209 -1.10 15.49 -14.79
N LEU A 210 -2.12 15.40 -15.63
CA LEU A 210 -3.23 16.35 -15.60
C LEU A 210 -4.27 16.02 -14.54
N GLN A 211 -4.46 14.73 -14.29
CA GLN A 211 -5.51 14.26 -13.42
C GLN A 211 -4.87 13.48 -12.27
N PRO A 212 -4.17 14.18 -11.35
CA PRO A 212 -3.43 13.47 -10.31
C PRO A 212 -4.30 12.67 -9.33
N LYS A 213 -5.49 13.19 -9.02
CA LYS A 213 -6.43 12.47 -8.16
C LYS A 213 -6.86 11.14 -8.78
N LEU A 214 -7.03 11.10 -10.10
CA LEU A 214 -7.41 9.83 -10.75
C LEU A 214 -6.23 8.87 -10.86
N LEU A 215 -5.06 9.41 -11.18
CA LEU A 215 -3.85 8.59 -11.24
C LEU A 215 -3.51 8.00 -9.89
N SER A 216 -3.76 8.76 -8.84
CA SER A 216 -3.46 8.29 -7.48
C SER A 216 -4.39 7.18 -7.07
N GLU A 217 -5.67 7.33 -7.38
CA GLU A 217 -6.67 6.29 -7.10
C GLU A 217 -6.36 5.00 -7.88
N ALA A 218 -6.03 5.12 -9.16
CA ALA A 218 -5.72 3.94 -9.98
C ALA A 218 -4.44 3.23 -9.51
N LEU A 219 -3.47 4.00 -9.01
CA LEU A 219 -2.23 3.36 -8.61
C LEU A 219 -2.43 2.66 -7.28
N LEU A 220 -3.09 3.33 -6.33
CA LEU A 220 -3.33 2.76 -5.02
C LEU A 220 -4.14 1.46 -5.11
N ALA A 221 -5.04 1.36 -6.10
CA ALA A 221 -5.87 0.15 -6.28
C ALA A 221 -5.09 -1.08 -6.77
N ILE A 222 -3.92 -0.84 -7.34
CA ILE A 222 -3.07 -1.93 -7.76
C ILE A 222 -2.48 -2.62 -6.52
N PRO A 223 -2.77 -3.92 -6.32
CA PRO A 223 -2.35 -4.68 -5.13
C PRO A 223 -0.87 -4.53 -4.71
N GLY A 224 0.04 -4.52 -5.67
CA GLY A 224 1.47 -4.48 -5.37
C GLY A 224 2.03 -3.10 -5.06
N VAL A 225 1.22 -2.06 -5.31
CA VAL A 225 1.63 -0.67 -5.06
C VAL A 225 1.34 -0.29 -3.63
N VAL A 226 2.40 -0.07 -2.86
CA VAL A 226 2.32 0.35 -1.46
C VAL A 226 1.87 1.83 -1.35
N GLU A 227 2.54 2.70 -2.08
CA GLU A 227 2.28 4.14 -2.04
C GLU A 227 2.94 4.76 -3.23
N HIS A 228 2.64 6.04 -3.44
CA HIS A 228 3.26 6.80 -4.51
C HIS A 228 3.61 8.23 -4.04
N GLY A 229 4.40 8.93 -4.85
CA GLY A 229 4.79 10.31 -4.52
C GLY A 229 3.84 11.48 -4.79
N LEU A 230 2.57 11.23 -5.09
CA LEU A 230 1.62 12.34 -5.23
C LEU A 230 0.99 12.63 -3.88
N PHE A 231 1.32 13.78 -3.29
CA PHE A 231 0.71 14.23 -2.03
C PHE A 231 -0.42 15.20 -2.40
N LEU A 232 -1.67 14.78 -2.18
CA LEU A 232 -2.84 15.56 -2.56
C LEU A 232 -3.57 16.03 -1.33
N GLY A 233 -3.81 17.34 -1.26
CA GLY A 233 -4.47 17.95 -0.13
C GLY A 233 -3.75 17.64 1.18
N LEU A 234 -2.43 17.48 1.14
CA LEU A 234 -1.65 17.30 2.37
C LEU A 234 -0.92 18.58 2.79
N ALA A 235 -0.29 19.23 1.82
CA ALA A 235 0.45 20.48 2.05
C ALA A 235 -0.51 21.65 2.35
N SER A 236 -0.28 22.34 3.47
CA SER A 236 -1.09 23.53 3.77
C SER A 236 -0.44 24.87 3.41
N ARG A 237 0.89 24.94 3.46
CA ARG A 237 1.64 26.15 3.08
C ARG A 237 2.88 25.77 2.29
N ALA A 238 3.18 26.55 1.26
CA ALA A 238 4.47 26.45 0.62
C ALA A 238 5.28 27.71 0.92
N ILE A 239 6.47 27.51 1.52
CA ILE A 239 7.41 28.60 1.75
C ILE A 239 8.51 28.55 0.71
N VAL A 240 8.41 29.43 -0.27
CA VAL A 240 9.23 29.38 -1.48
C VAL A 240 10.12 30.61 -1.61
N ALA A 241 11.44 30.39 -1.64
CA ALA A 241 12.39 31.47 -1.82
C ALA A 241 12.61 31.73 -3.33
N MET A 242 12.42 32.98 -3.72
CA MET A 242 12.46 33.35 -5.14
C MET A 242 13.84 33.80 -5.54
N ALA A 243 14.13 33.74 -6.84
CA ALA A 243 15.42 34.18 -7.37
C ALA A 243 15.72 35.65 -7.03
N ASP A 244 14.68 36.49 -7.02
CA ASP A 244 14.81 37.92 -6.74
C ASP A 244 14.77 38.23 -5.23
N SER A 245 14.92 37.15 -4.44
CA SER A 245 15.07 37.23 -2.97
C SER A 245 13.79 37.28 -2.14
N GLN A 246 12.66 37.42 -2.80
CA GLN A 246 11.38 37.31 -2.13
C GLN A 246 11.18 35.90 -1.55
N ILE A 247 10.73 35.81 -0.30
CA ILE A 247 10.26 34.55 0.26
C ILE A 247 8.76 34.62 0.43
N LYS A 248 8.05 33.92 -0.46
CA LYS A 248 6.60 33.94 -0.43
C LYS A 248 6.06 32.84 0.46
N VAL A 249 5.11 33.19 1.32
CA VAL A 249 4.35 32.24 2.10
C VAL A 249 3.01 32.03 1.39
N LEU A 250 2.88 30.86 0.78
CA LEU A 250 1.79 30.58 -0.16
C LEU A 250 0.81 29.56 0.37
N GLU A 251 -0.44 29.67 -0.09
CA GLU A 251 -1.51 28.78 0.28
C GLU A 251 -1.95 27.99 -0.94
N PRO A 252 -2.75 26.93 -0.77
CA PRO A 252 -3.14 26.15 -1.93
C PRO A 252 -3.93 26.99 -2.95
N PHE A 253 -4.68 28.00 -2.48
CA PHE A 253 -5.39 28.90 -3.39
C PHE A 253 -4.46 29.73 -4.30
N ASP A 254 -3.18 29.79 -3.95
CA ASP A 254 -2.18 30.52 -4.75
C ASP A 254 -1.69 29.67 -5.93
N PHE A 255 -2.16 28.44 -5.99
CA PHE A 255 -1.76 27.50 -7.03
C PHE A 255 -3.00 27.14 -7.87
N ASN B 23 -17.59 -32.72 7.98
CA ASN B 23 -18.86 -32.17 7.40
C ASN B 23 -18.71 -30.85 6.63
N VAL B 24 -18.11 -29.80 7.23
CA VAL B 24 -17.61 -28.66 6.44
C VAL B 24 -16.30 -29.02 5.72
N GLN B 25 -15.46 -29.84 6.36
CA GLN B 25 -14.28 -30.38 5.71
C GLN B 25 -14.72 -31.14 4.45
N GLN B 26 -15.83 -31.89 4.55
CA GLN B 26 -16.41 -32.60 3.39
C GLN B 26 -16.78 -31.62 2.30
N LEU B 27 -17.51 -30.58 2.68
CA LEU B 27 -17.92 -29.54 1.75
C LEU B 27 -16.72 -28.87 1.09
N LYS B 28 -15.69 -28.59 1.87
CA LYS B 28 -14.44 -28.04 1.34
C LYS B 28 -13.80 -28.93 0.26
N LYS B 29 -13.70 -30.24 0.55
CA LYS B 29 -13.19 -31.20 -0.40
C LYS B 29 -14.04 -31.25 -1.63
N MET B 30 -15.36 -31.30 -1.46
CA MET B 30 -16.27 -31.30 -2.59
C MET B 30 -16.05 -30.07 -3.46
N ALA B 31 -15.93 -28.89 -2.85
CA ALA B 31 -15.65 -27.70 -3.64
C ALA B 31 -14.33 -27.83 -4.40
N ALA B 32 -13.32 -28.38 -3.71
CA ALA B 32 -11.97 -28.52 -4.26
C ALA B 32 -11.93 -29.50 -5.41
N LEU B 33 -12.59 -30.65 -5.23
CA LEU B 33 -12.70 -31.65 -6.32
C LEU B 33 -13.35 -31.06 -7.55
N LYS B 34 -14.43 -30.31 -7.36
CA LYS B 34 -15.11 -29.72 -8.52
C LYS B 34 -14.23 -28.68 -9.25
N ALA B 35 -13.50 -27.87 -8.49
CA ALA B 35 -12.67 -26.81 -9.11
C ALA B 35 -11.53 -27.44 -9.87
N LEU B 36 -11.03 -28.57 -9.34
CA LEU B 36 -9.94 -29.29 -9.99
C LEU B 36 -10.26 -29.66 -11.45
N GLU B 37 -11.54 -29.85 -11.77
CA GLU B 37 -11.96 -30.24 -13.11
C GLU B 37 -11.68 -29.16 -14.15
N PHE B 38 -11.57 -27.91 -13.72
CA PHE B 38 -11.21 -26.82 -14.63
C PHE B 38 -9.73 -26.66 -14.83
N VAL B 39 -8.93 -27.43 -14.09
CA VAL B 39 -7.49 -27.39 -14.31
C VAL B 39 -7.14 -28.31 -15.47
N GLU B 40 -6.59 -27.71 -16.52
CA GLU B 40 -6.14 -28.41 -17.73
C GLU B 40 -4.63 -28.34 -17.87
N ASP B 41 -4.10 -29.34 -18.54
CA ASP B 41 -2.68 -29.46 -18.85
C ASP B 41 -2.03 -28.17 -19.31
N ASP B 42 -0.86 -27.93 -18.71
CA ASP B 42 0.06 -26.86 -19.11
C ASP B 42 -0.45 -25.45 -18.74
N MET B 43 -1.43 -25.40 -17.83
CA MET B 43 -1.92 -24.14 -17.28
C MET B 43 -0.91 -23.54 -16.29
N ARG B 44 -0.90 -22.22 -16.23
CA ARG B 44 -0.14 -21.55 -15.18
C ARG B 44 -1.11 -21.12 -14.06
N LEU B 45 -0.93 -21.71 -12.89
CA LEU B 45 -1.91 -21.60 -11.78
C LEU B 45 -1.48 -20.75 -10.60
N GLY B 46 -2.39 -19.92 -10.10
CA GLY B 46 -2.20 -19.27 -8.82
C GLY B 46 -2.75 -20.20 -7.76
N ILE B 47 -2.04 -20.32 -6.64
CA ILE B 47 -2.47 -21.20 -5.58
C ILE B 47 -2.68 -20.36 -4.32
N GLY B 48 -3.93 -20.25 -3.92
CA GLY B 48 -4.31 -19.45 -2.76
C GLY B 48 -3.92 -20.09 -1.47
N SER B 49 -4.55 -19.64 -0.38
CA SER B 49 -4.27 -20.19 0.96
C SER B 49 -5.55 -20.40 1.75
N GLY B 50 -5.43 -21.09 2.88
CA GLY B 50 -6.57 -21.37 3.72
C GLY B 50 -6.90 -22.86 3.77
N SER B 51 -7.78 -23.22 4.69
CA SER B 51 -8.08 -24.62 4.91
C SER B 51 -8.75 -25.24 3.69
N THR B 52 -9.59 -24.48 2.97
CA THR B 52 -10.21 -24.99 1.73
C THR B 52 -9.16 -25.29 0.63
N VAL B 53 -8.28 -24.34 0.39
CA VAL B 53 -7.15 -24.56 -0.54
C VAL B 53 -6.24 -25.71 -0.06
N ASN B 54 -6.09 -25.90 1.26
CA ASN B 54 -5.31 -27.07 1.73
C ASN B 54 -5.90 -28.42 1.30
N GLU B 55 -7.21 -28.48 1.06
CA GLU B 55 -7.88 -29.66 0.49
C GLU B 55 -7.62 -29.82 -1.00
N PHE B 56 -7.40 -28.70 -1.67
CA PHE B 56 -7.23 -28.66 -3.12
C PHE B 56 -5.82 -29.08 -3.56
N ILE B 57 -4.78 -28.66 -2.82
CA ILE B 57 -3.40 -28.94 -3.21
C ILE B 57 -3.07 -30.44 -3.28
N PRO B 58 -3.44 -31.23 -2.26
CA PRO B 58 -3.17 -32.67 -2.37
C PRO B 58 -3.88 -33.29 -3.57
N LEU B 59 -5.11 -32.84 -3.87
CA LEU B 59 -5.86 -33.39 -4.99
C LEU B 59 -5.15 -33.08 -6.27
N LEU B 60 -4.65 -31.84 -6.36
CA LEU B 60 -3.89 -31.39 -7.51
C LEU B 60 -2.61 -32.22 -7.63
N GLY B 61 -1.94 -32.43 -6.50
CA GLY B 61 -0.76 -33.28 -6.46
C GLY B 61 -1.04 -34.68 -7.00
N GLU B 62 -2.17 -35.26 -6.60
CA GLU B 62 -2.56 -36.59 -7.07
C GLU B 62 -2.77 -36.62 -8.57
N ARG B 63 -3.29 -35.52 -9.13
CA ARG B 63 -3.45 -35.40 -10.58
C ARG B 63 -2.12 -35.27 -11.30
N VAL B 64 -1.18 -34.54 -10.67
CA VAL B 64 0.19 -34.39 -11.17
C VAL B 64 0.91 -35.74 -11.20
N ALA B 65 0.77 -36.52 -10.13
CA ALA B 65 1.34 -37.85 -10.08
C ALA B 65 0.88 -38.62 -11.33
N ASN B 66 -0.38 -38.40 -11.72
CA ASN B 66 -0.95 -39.05 -12.90
C ASN B 66 -0.59 -38.46 -14.24
N GLY B 67 0.29 -37.48 -14.25
CA GLY B 67 0.76 -36.90 -15.51
C GLY B 67 0.20 -35.54 -15.88
N LEU B 68 -0.71 -34.98 -15.08
CA LEU B 68 -1.15 -33.60 -15.33
C LEU B 68 0.02 -32.62 -15.20
N ARG B 69 0.11 -31.68 -16.13
CA ARG B 69 1.22 -30.74 -16.14
C ARG B 69 0.73 -29.36 -15.75
N VAL B 70 1.21 -28.84 -14.61
CA VAL B 70 0.94 -27.47 -14.18
C VAL B 70 2.16 -26.78 -13.58
N THR B 71 2.15 -25.45 -13.62
CA THR B 71 3.07 -24.63 -12.83
C THR B 71 2.27 -23.64 -12.00
N CYS B 72 2.60 -23.58 -10.72
CA CYS B 72 1.87 -22.85 -9.72
C CYS B 72 2.70 -21.76 -9.06
N VAL B 73 2.08 -20.61 -8.82
CA VAL B 73 2.63 -19.62 -7.91
C VAL B 73 1.83 -19.69 -6.58
N ALA B 74 2.50 -19.94 -5.47
CA ALA B 74 1.84 -20.02 -4.17
C ALA B 74 1.76 -18.66 -3.48
N THR B 75 0.79 -18.51 -2.58
CA THR B 75 0.46 -17.20 -2.00
C THR B 75 0.79 -17.09 -0.50
N SER B 76 1.37 -18.15 0.06
CA SER B 76 1.73 -18.22 1.47
C SER B 76 2.79 -19.29 1.60
N GLN B 77 3.43 -19.35 2.77
CA GLN B 77 4.50 -20.33 2.99
C GLN B 77 3.91 -21.72 3.16
N TYR B 78 2.82 -21.80 3.90
CA TYR B 78 2.14 -23.07 4.10
C TYR B 78 1.65 -23.69 2.76
N SER B 79 1.08 -22.87 1.85
CA SER B 79 0.64 -23.37 0.54
C SER B 79 1.80 -23.86 -0.30
N GLU B 80 2.93 -23.16 -0.19
CA GLU B 80 4.14 -23.59 -0.87
C GLU B 80 4.68 -24.88 -0.26
N GLN B 81 4.63 -25.00 1.06
CA GLN B 81 5.08 -26.20 1.78
C GLN B 81 4.25 -27.40 1.29
N LEU B 82 2.93 -27.25 1.26
CA LEU B 82 2.03 -28.30 0.76
C LEU B 82 2.28 -28.61 -0.70
N CYS B 83 2.52 -27.59 -1.51
CA CYS B 83 2.89 -27.80 -2.90
C CYS B 83 4.09 -28.74 -3.05
N HIS B 84 5.22 -28.39 -2.41
CA HIS B 84 6.42 -29.26 -2.40
C HIS B 84 6.09 -30.66 -1.87
N LYS B 85 5.36 -30.74 -0.75
CA LYS B 85 4.96 -32.03 -0.16
C LYS B 85 4.13 -32.93 -1.09
N PHE B 86 3.40 -32.34 -2.04
CA PHE B 86 2.58 -33.16 -2.94
C PHE B 86 3.03 -33.16 -4.40
N GLY B 87 4.21 -32.61 -4.67
CA GLY B 87 4.80 -32.64 -6.01
C GLY B 87 4.09 -31.71 -6.96
N VAL B 88 3.58 -30.61 -6.45
CA VAL B 88 3.00 -29.60 -7.32
C VAL B 88 4.14 -28.65 -7.69
N PRO B 89 4.44 -28.52 -8.99
CA PRO B 89 5.58 -27.65 -9.37
C PRO B 89 5.31 -26.18 -9.06
N ILE B 90 6.40 -25.49 -8.76
CA ILE B 90 6.41 -24.17 -8.16
C ILE B 90 7.30 -23.23 -8.99
N SER B 91 6.77 -22.07 -9.34
CA SER B 91 7.51 -20.99 -10.00
C SER B 91 7.15 -19.63 -9.37
N THR B 92 7.53 -18.53 -10.03
CA THR B 92 7.31 -17.18 -9.50
C THR B 92 6.63 -16.29 -10.51
N LEU B 93 5.95 -15.26 -10.00
CA LEU B 93 5.45 -14.16 -10.84
C LEU B 93 6.55 -13.44 -11.64
N GLU B 94 7.79 -13.50 -11.15
CA GLU B 94 8.92 -12.97 -11.91
C GLU B 94 9.10 -13.74 -13.22
N LYS B 95 9.10 -15.07 -13.11
CA LYS B 95 9.18 -15.95 -14.28
C LYS B 95 7.89 -15.94 -15.08
N ILE B 96 6.75 -16.02 -14.40
CA ILE B 96 5.44 -16.03 -15.10
C ILE B 96 4.51 -14.93 -14.55
N PRO B 97 4.59 -13.74 -15.16
CA PRO B 97 3.91 -12.53 -14.68
C PRO B 97 2.38 -12.56 -14.85
N GLU B 98 1.89 -13.39 -15.78
CA GLU B 98 0.45 -13.49 -16.01
C GLU B 98 0.04 -14.96 -15.93
N LEU B 99 -0.92 -15.26 -15.06
CA LEU B 99 -1.35 -16.62 -14.80
C LEU B 99 -2.68 -16.83 -15.49
N ASP B 100 -2.98 -18.08 -15.82
CA ASP B 100 -4.25 -18.46 -16.45
C ASP B 100 -5.39 -18.49 -15.46
N LEU B 101 -5.14 -19.08 -14.30
CA LEU B 101 -6.20 -19.36 -13.32
C LEU B 101 -5.68 -19.31 -11.91
N ASP B 102 -6.38 -18.60 -11.05
CA ASP B 102 -6.08 -18.54 -9.62
C ASP B 102 -7.15 -19.31 -8.85
N ILE B 103 -6.72 -20.17 -7.94
CA ILE B 103 -7.66 -20.93 -7.13
C ILE B 103 -7.43 -20.56 -5.68
N ASP B 104 -8.45 -19.99 -5.05
CA ASP B 104 -8.34 -19.46 -3.69
C ASP B 104 -9.63 -19.67 -2.93
N GLY B 105 -9.54 -19.59 -1.60
CA GLY B 105 -10.71 -19.55 -0.76
C GLY B 105 -11.09 -18.11 -0.48
N ALA B 106 -12.05 -17.94 0.43
CA ALA B 106 -12.54 -16.62 0.86
C ALA B 106 -13.17 -16.75 2.24
N ASP B 107 -12.95 -15.74 3.07
CA ASP B 107 -13.57 -15.66 4.40
C ASP B 107 -15.02 -15.30 4.24
N GLU B 108 -15.31 -14.43 3.27
CA GLU B 108 -16.69 -14.11 2.90
C GLU B 108 -16.81 -13.94 1.40
N ILE B 109 -17.96 -14.35 0.86
CA ILE B 109 -18.37 -14.08 -0.51
C ILE B 109 -19.72 -13.37 -0.43
N GLY B 110 -19.76 -12.11 -0.83
CA GLY B 110 -20.96 -11.29 -0.73
C GLY B 110 -21.47 -10.84 -2.08
N PRO B 111 -22.28 -9.76 -2.11
CA PRO B 111 -22.89 -9.20 -3.34
C PRO B 111 -21.87 -8.91 -4.41
N GLU B 112 -22.26 -9.11 -5.67
CA GLU B 112 -21.35 -9.05 -6.83
C GLU B 112 -20.07 -9.89 -6.67
N MET B 113 -20.10 -10.93 -5.84
CA MET B 113 -18.89 -11.75 -5.56
C MET B 113 -17.68 -10.88 -5.10
N THR B 114 -17.96 -9.86 -4.32
CA THR B 114 -16.93 -9.16 -3.57
C THR B 114 -16.49 -10.12 -2.46
N LEU B 115 -15.18 -10.21 -2.25
CA LEU B 115 -14.67 -11.08 -1.19
C LEU B 115 -14.16 -10.31 0.01
N ILE B 116 -14.15 -10.98 1.15
CA ILE B 116 -13.24 -10.62 2.20
C ILE B 116 -12.28 -11.79 2.34
N LYS B 117 -10.98 -11.49 2.30
CA LYS B 117 -9.94 -12.49 2.42
C LYS B 117 -8.88 -11.97 3.36
N GLY B 118 -8.03 -12.88 3.82
CA GLY B 118 -6.94 -12.49 4.68
C GLY B 118 -7.05 -12.94 6.12
N GLY B 119 -8.01 -13.81 6.41
CA GLY B 119 -8.12 -14.35 7.76
C GLY B 119 -6.86 -15.10 8.19
N GLY B 120 -6.23 -15.80 7.24
CA GLY B 120 -5.03 -16.61 7.52
C GLY B 120 -3.76 -15.78 7.45
N GLY B 121 -3.90 -14.50 7.12
CA GLY B 121 -2.76 -13.56 7.06
C GLY B 121 -2.09 -13.35 5.70
N ALA B 122 -2.61 -13.96 4.62
CA ALA B 122 -1.89 -13.95 3.35
C ALA B 122 -2.48 -13.00 2.31
N LEU B 123 -3.25 -12.02 2.76
CA LEU B 123 -4.00 -11.20 1.79
C LEU B 123 -3.18 -10.57 0.64
N LEU B 124 -2.00 -10.04 0.94
CA LEU B 124 -1.25 -9.25 -0.05
C LEU B 124 -0.80 -10.09 -1.24
N HIS B 125 -0.08 -11.16 -0.94
CA HIS B 125 0.29 -12.13 -1.98
C HIS B 125 -0.92 -12.74 -2.67
N GLU B 126 -1.99 -13.00 -1.92
CA GLU B 126 -3.22 -13.48 -2.57
C GLU B 126 -3.79 -12.49 -3.58
N LYS B 127 -3.71 -11.20 -3.25
CA LYS B 127 -4.37 -10.18 -4.08
C LYS B 127 -3.51 -9.83 -5.31
N ILE B 128 -2.19 -9.78 -5.11
CA ILE B 128 -1.24 -9.67 -6.22
C ILE B 128 -1.44 -10.87 -7.19
N VAL B 129 -1.44 -12.10 -6.68
CA VAL B 129 -1.67 -13.27 -7.54
C VAL B 129 -3.03 -13.22 -8.26
N ALA B 130 -4.12 -12.99 -7.50
CA ALA B 130 -5.45 -12.83 -8.11
C ALA B 130 -5.40 -11.82 -9.25
N SER B 131 -4.79 -10.66 -9.00
CA SER B 131 -4.67 -9.56 -9.99
C SER B 131 -3.92 -9.95 -11.23
N ALA B 132 -2.96 -10.84 -11.06
CA ALA B 132 -2.08 -11.31 -12.11
C ALA B 132 -2.64 -12.50 -12.93
N SER B 133 -3.88 -12.92 -12.63
CA SER B 133 -4.49 -14.08 -13.29
C SER B 133 -5.61 -13.68 -14.28
N ARG B 134 -5.89 -14.53 -15.27
CA ARG B 134 -6.94 -14.27 -16.25
C ARG B 134 -8.33 -14.44 -15.66
N ALA B 135 -8.41 -15.33 -14.70
CA ALA B 135 -9.64 -15.68 -14.00
C ALA B 135 -9.26 -16.08 -12.60
N MET B 136 -10.13 -15.79 -11.65
CA MET B 136 -9.93 -16.24 -10.31
C MET B 136 -11.16 -17.05 -9.94
N PHE B 137 -10.93 -18.28 -9.52
CA PHE B 137 -11.98 -19.16 -9.00
C PHE B 137 -11.90 -19.22 -7.49
N VAL B 138 -13.01 -18.90 -6.84
CA VAL B 138 -13.13 -19.06 -5.40
C VAL B 138 -13.72 -20.41 -5.11
N ILE B 139 -13.07 -21.16 -4.22
CA ILE B 139 -13.62 -22.38 -3.68
C ILE B 139 -14.11 -22.21 -2.23
N ALA B 140 -15.35 -22.63 -1.98
CA ALA B 140 -15.97 -22.39 -0.68
C ALA B 140 -17.03 -23.41 -0.29
N ASP B 141 -17.17 -23.60 1.02
CA ASP B 141 -18.35 -24.25 1.57
C ASP B 141 -19.47 -23.20 1.71
N GLU B 142 -20.71 -23.68 1.86
CA GLU B 142 -21.93 -22.86 1.93
C GLU B 142 -21.88 -21.68 2.89
N THR B 143 -21.14 -21.84 3.99
CA THR B 143 -21.19 -20.86 5.07
C THR B 143 -20.57 -19.49 4.71
N LYS B 144 -19.76 -19.45 3.65
CA LYS B 144 -19.01 -18.26 3.27
C LYS B 144 -19.86 -17.26 2.49
N MET B 145 -20.92 -17.75 1.85
CA MET B 145 -21.84 -16.90 1.12
C MET B 145 -22.68 -16.08 2.11
N VAL B 146 -22.57 -14.75 2.00
CA VAL B 146 -23.29 -13.83 2.89
C VAL B 146 -24.11 -12.84 2.08
N LYS B 147 -25.20 -12.37 2.64
CA LYS B 147 -26.07 -11.39 1.98
C LYS B 147 -25.51 -9.97 2.08
N THR B 148 -24.79 -9.74 3.17
CA THR B 148 -24.13 -8.48 3.44
C THR B 148 -22.74 -8.82 4.01
N LEU B 149 -21.72 -8.16 3.51
CA LEU B 149 -20.35 -8.36 3.99
C LEU B 149 -20.14 -7.75 5.36
N GLY B 150 -19.15 -8.27 6.08
CA GLY B 150 -18.64 -7.53 7.24
C GLY B 150 -18.65 -8.20 8.58
N ALA B 151 -19.43 -9.27 8.74
CA ALA B 151 -19.43 -9.99 10.01
C ALA B 151 -18.03 -10.50 10.32
N PHE B 152 -17.30 -10.92 9.30
CA PHE B 152 -15.93 -11.39 9.49
C PHE B 152 -15.09 -10.14 9.51
N ALA B 153 -14.19 -10.02 10.48
CA ALA B 153 -13.35 -8.85 10.64
C ALA B 153 -12.48 -8.64 9.39
N LEU B 154 -12.48 -7.42 8.87
CA LEU B 154 -11.72 -7.11 7.68
C LEU B 154 -10.23 -6.98 7.98
N PRO B 155 -9.37 -7.74 7.29
CA PRO B 155 -7.97 -7.53 7.57
C PRO B 155 -7.43 -6.32 6.83
N ILE B 156 -6.49 -5.62 7.45
CA ILE B 156 -5.87 -4.45 6.84
C ILE B 156 -4.38 -4.59 7.08
N GLU B 157 -3.64 -4.75 5.98
CA GLU B 157 -2.19 -4.82 6.04
C GLU B 157 -1.63 -3.40 6.11
N VAL B 158 -0.81 -3.15 7.12
CA VAL B 158 -0.29 -1.81 7.40
C VAL B 158 1.21 -1.85 7.55
N ASN B 159 1.83 -0.70 7.35
CA ASN B 159 3.26 -0.57 7.62
C ASN B 159 3.54 -0.45 9.10
N PRO B 160 4.59 -1.14 9.58
CA PRO B 160 5.00 -0.99 10.97
C PRO B 160 5.32 0.47 11.30
N PHE B 161 6.12 1.16 10.47
CA PHE B 161 6.39 2.60 10.70
C PHE B 161 5.11 3.42 10.87
N GLY B 162 4.96 4.08 12.01
CA GLY B 162 3.81 4.98 12.22
C GLY B 162 2.48 4.29 12.39
N ILE B 163 2.52 3.04 12.84
CA ILE B 163 1.32 2.20 12.95
C ILE B 163 0.24 2.81 13.88
N HIS B 164 0.68 3.41 14.97
CA HIS B 164 -0.23 4.16 15.84
C HIS B 164 -0.98 5.24 15.06
N ALA B 165 -0.27 6.05 14.29
CA ALA B 165 -0.89 7.08 13.46
C ALA B 165 -1.86 6.50 12.44
N THR B 166 -1.48 5.36 11.86
CA THR B 166 -2.33 4.68 10.88
C THR B 166 -3.61 4.13 11.56
N ARG B 167 -3.47 3.55 12.75
CA ARG B 167 -4.67 3.11 13.51
C ARG B 167 -5.71 4.23 13.64
N ILE B 168 -5.24 5.41 14.04
CA ILE B 168 -6.06 6.62 14.15
C ILE B 168 -6.71 7.02 12.83
N ALA B 169 -5.95 7.02 11.73
CA ALA B 169 -6.51 7.38 10.43
C ALA B 169 -7.60 6.38 9.95
N ILE B 170 -7.42 5.10 10.26
CA ILE B 170 -8.43 4.07 9.97
C ILE B 170 -9.69 4.30 10.83
N GLU B 171 -9.49 4.59 12.11
CA GLU B 171 -10.59 4.95 13.02
C GLU B 171 -11.36 6.17 12.50
N LYS B 172 -10.64 7.15 11.96
CA LYS B 172 -11.26 8.33 11.34
C LYS B 172 -12.01 8.01 10.05
N ALA B 173 -11.42 7.19 9.18
CA ALA B 173 -12.09 6.81 7.93
C ALA B 173 -13.39 6.04 8.23
N ALA B 174 -13.31 5.07 9.14
CA ALA B 174 -14.47 4.35 9.70
C ALA B 174 -15.60 5.29 10.17
N ASP B 175 -15.29 6.24 11.06
CA ASP B 175 -16.29 7.23 11.49
C ASP B 175 -17.00 7.89 10.32
N ASN B 176 -16.24 8.28 9.30
CA ASN B 176 -16.81 8.92 8.11
C ASN B 176 -17.73 8.09 7.25
N LEU B 177 -17.51 6.78 7.28
CA LEU B 177 -18.37 5.85 6.58
C LEU B 177 -19.42 5.24 7.50
N GLY B 178 -19.47 5.71 8.75
CA GLY B 178 -20.44 5.21 9.73
C GLY B 178 -20.21 3.79 10.21
N LEU B 179 -18.94 3.40 10.32
CA LEU B 179 -18.54 2.06 10.83
C LEU B 179 -18.03 2.16 12.26
N SER B 180 -18.32 1.14 13.06
CA SER B 180 -17.86 1.10 14.45
C SER B 180 -17.46 -0.31 14.85
N GLY B 181 -16.48 -0.39 15.73
CA GLY B 181 -16.05 -1.67 16.24
C GLY B 181 -14.60 -1.58 16.63
N GLU B 182 -14.11 -2.59 17.33
CA GLU B 182 -12.72 -2.63 17.73
C GLU B 182 -11.81 -2.80 16.51
N ILE B 183 -10.67 -2.11 16.51
CA ILE B 183 -9.58 -2.34 15.57
C ILE B 183 -8.42 -2.94 16.36
N THR B 184 -8.21 -4.25 16.25
CA THR B 184 -7.15 -4.94 16.97
C THR B 184 -6.00 -5.36 16.05
N LEU B 185 -4.79 -5.39 16.60
CA LEU B 185 -3.60 -5.79 15.87
C LEU B 185 -3.48 -7.30 15.84
N ARG B 186 -3.23 -7.88 14.67
CA ARG B 186 -3.00 -9.33 14.54
C ARG B 186 -1.76 -9.77 15.33
N MET B 187 -1.97 -10.70 16.25
CA MET B 187 -0.92 -11.21 17.08
C MET B 187 -0.61 -12.62 16.70
N ASN B 188 0.64 -12.99 16.94
CA ASN B 188 1.12 -14.35 16.84
C ASN B 188 2.03 -14.51 18.05
N GLY B 189 1.42 -14.84 19.19
CA GLY B 189 2.09 -14.80 20.49
C GLY B 189 1.86 -13.47 21.18
N ASP B 190 2.90 -12.97 21.85
CA ASP B 190 3.00 -11.57 22.23
C ASP B 190 4.04 -10.89 21.30
N ASP B 191 3.96 -11.21 20.01
CA ASP B 191 4.73 -10.52 18.97
C ASP B 191 3.76 -10.20 17.86
N PRO B 192 3.75 -8.96 17.37
CA PRO B 192 2.80 -8.77 16.26
C PRO B 192 3.08 -9.74 15.11
N PHE B 193 2.01 -10.26 14.49
CA PHE B 193 2.16 -11.14 13.37
C PHE B 193 2.76 -10.33 12.20
N LYS B 194 3.89 -10.78 11.69
CA LYS B 194 4.51 -10.15 10.53
C LYS B 194 4.22 -10.99 9.26
N THR B 195 3.58 -10.35 8.29
CA THR B 195 3.25 -10.96 7.00
C THR B 195 4.52 -11.20 6.20
N ASP B 196 4.41 -11.96 5.11
CA ASP B 196 5.52 -12.19 4.17
C ASP B 196 6.10 -10.89 3.58
N GLY B 197 5.25 -9.88 3.42
CA GLY B 197 5.70 -8.59 2.94
C GLY B 197 6.50 -7.78 3.94
N GLY B 198 6.60 -8.27 5.18
CA GLY B 198 7.19 -7.55 6.31
C GLY B 198 6.24 -6.51 6.94
N HIS B 199 4.94 -6.80 6.92
CA HIS B 199 3.96 -5.86 7.46
C HIS B 199 3.18 -6.44 8.62
N PHE B 200 2.40 -5.57 9.28
CA PHE B 200 1.49 -6.01 10.31
C PHE B 200 0.07 -6.02 9.76
N ILE B 201 -0.88 -6.46 10.56
CA ILE B 201 -2.26 -6.51 10.13
C ILE B 201 -3.13 -6.02 11.26
N PHE B 202 -4.06 -5.12 10.93
CA PHE B 202 -5.17 -4.81 11.81
C PHE B 202 -6.39 -5.59 11.35
N ASP B 203 -7.07 -6.21 12.31
CA ASP B 203 -8.37 -6.77 12.05
C ASP B 203 -9.42 -5.78 12.55
N ALA B 204 -10.31 -5.37 11.65
CA ALA B 204 -11.39 -4.44 11.96
C ALA B 204 -12.72 -5.18 12.11
N PHE B 205 -13.22 -5.23 13.34
CA PHE B 205 -14.47 -5.90 13.65
C PHE B 205 -15.65 -4.97 13.47
N TRP B 206 -15.90 -4.54 12.23
CA TRP B 206 -16.94 -3.59 11.93
C TRP B 206 -18.34 -4.17 11.79
N GLY B 207 -18.42 -5.51 11.71
CA GLY B 207 -19.70 -6.21 11.70
C GLY B 207 -20.56 -6.10 10.47
N ARG B 208 -20.45 -4.98 9.76
CA ARG B 208 -21.31 -4.73 8.61
C ARG B 208 -20.68 -3.67 7.71
N ILE B 209 -20.56 -3.99 6.42
CA ILE B 209 -19.92 -3.14 5.43
C ILE B 209 -20.86 -3.03 4.20
N LEU B 210 -21.68 -1.99 4.14
CA LEU B 210 -22.66 -1.86 3.06
C LEU B 210 -22.09 -1.17 1.84
N GLN B 211 -21.07 -0.35 2.05
CA GLN B 211 -20.43 0.40 0.96
C GLN B 211 -18.96 -0.02 0.80
N PRO B 212 -18.74 -1.21 0.24
CA PRO B 212 -17.41 -1.83 0.20
C PRO B 212 -16.42 -1.08 -0.70
N LYS B 213 -16.90 -0.54 -1.83
CA LYS B 213 -16.08 0.22 -2.76
C LYS B 213 -15.55 1.52 -2.15
N LEU B 214 -16.42 2.25 -1.46
CA LEU B 214 -16.03 3.49 -0.77
C LEU B 214 -15.03 3.20 0.34
N LEU B 215 -15.26 2.10 1.06
CA LEU B 215 -14.38 1.75 2.15
C LEU B 215 -13.00 1.33 1.62
N SER B 216 -13.00 0.62 0.50
CA SER B 216 -11.76 0.26 -0.18
C SER B 216 -10.95 1.47 -0.60
N GLU B 217 -11.57 2.39 -1.33
CA GLU B 217 -10.98 3.69 -1.71
C GLU B 217 -10.39 4.45 -0.54
N ALA B 218 -11.17 4.55 0.54
CA ALA B 218 -10.76 5.27 1.75
C ALA B 218 -9.54 4.68 2.43
N LEU B 219 -9.51 3.35 2.55
CA LEU B 219 -8.42 2.68 3.27
C LEU B 219 -7.13 2.75 2.50
N LEU B 220 -7.22 2.54 1.20
CA LEU B 220 -6.05 2.60 0.34
C LEU B 220 -5.44 4.02 0.29
N ALA B 221 -6.25 5.07 0.43
CA ALA B 221 -5.76 6.46 0.48
C ALA B 221 -4.92 6.76 1.73
N ILE B 222 -5.06 5.94 2.79
CA ILE B 222 -4.30 6.15 4.04
C ILE B 222 -2.88 5.67 3.87
N PRO B 223 -1.89 6.57 4.05
CA PRO B 223 -0.49 6.31 3.66
C PRO B 223 0.07 5.02 4.20
N GLY B 224 -0.29 4.63 5.42
CA GLY B 224 0.34 3.48 6.06
C GLY B 224 -0.35 2.17 5.72
N VAL B 225 -1.54 2.25 5.12
CA VAL B 225 -2.25 1.05 4.66
C VAL B 225 -1.64 0.52 3.39
N VAL B 226 -1.06 -0.67 3.49
CA VAL B 226 -0.45 -1.34 2.34
C VAL B 226 -1.54 -1.90 1.41
N GLU B 227 -2.50 -2.62 2.01
CA GLU B 227 -3.63 -3.28 1.32
C GLU B 227 -4.64 -3.73 2.35
N HIS B 228 -5.78 -4.25 1.88
CA HIS B 228 -6.83 -4.76 2.75
C HIS B 228 -7.55 -5.96 2.10
N GLY B 229 -8.37 -6.65 2.90
CA GLY B 229 -9.00 -7.90 2.53
C GLY B 229 -10.25 -7.89 1.66
N LEU B 230 -10.63 -6.73 1.13
CA LEU B 230 -11.76 -6.62 0.21
C LEU B 230 -11.32 -6.81 -1.24
N PHE B 231 -11.74 -7.91 -1.85
CA PHE B 231 -11.38 -8.21 -3.23
C PHE B 231 -12.58 -7.84 -4.09
N LEU B 232 -12.48 -6.71 -4.78
CA LEU B 232 -13.60 -6.15 -5.56
C LEU B 232 -13.40 -6.40 -7.06
N GLY B 233 -14.39 -7.05 -7.67
CA GLY B 233 -14.32 -7.41 -9.08
C GLY B 233 -13.11 -8.24 -9.44
N LEU B 234 -12.65 -9.10 -8.54
CA LEU B 234 -11.50 -9.94 -8.82
C LEU B 234 -11.91 -11.39 -9.08
N ALA B 235 -12.86 -11.88 -8.29
CA ALA B 235 -13.40 -13.23 -8.44
C ALA B 235 -14.31 -13.33 -9.65
N SER B 236 -14.13 -14.38 -10.44
CA SER B 236 -14.95 -14.54 -11.63
C SER B 236 -15.87 -15.73 -11.52
N ARG B 237 -15.52 -16.70 -10.69
CA ARG B 237 -16.42 -17.81 -10.39
C ARG B 237 -16.28 -18.21 -8.94
N ALA B 238 -17.41 -18.56 -8.33
CA ALA B 238 -17.40 -19.19 -7.02
C ALA B 238 -17.92 -20.63 -7.10
N ILE B 239 -17.14 -21.57 -6.59
CA ILE B 239 -17.50 -22.98 -6.60
C ILE B 239 -17.83 -23.32 -5.15
N VAL B 240 -19.12 -23.51 -4.87
CA VAL B 240 -19.65 -23.56 -3.51
C VAL B 240 -20.38 -24.86 -3.20
N ALA B 241 -19.87 -25.62 -2.24
CA ALA B 241 -20.47 -26.87 -1.84
C ALA B 241 -21.52 -26.63 -0.73
N MET B 242 -22.76 -27.07 -1.00
CA MET B 242 -23.91 -26.87 -0.14
C MET B 242 -24.16 -28.08 0.72
N ALA B 243 -24.81 -27.88 1.87
CA ALA B 243 -25.09 -28.98 2.80
C ALA B 243 -25.97 -30.07 2.19
N ASP B 244 -26.80 -29.72 1.20
CA ASP B 244 -27.60 -30.71 0.46
C ASP B 244 -26.83 -31.44 -0.67
N SER B 245 -25.49 -31.30 -0.67
CA SER B 245 -24.60 -31.94 -1.65
C SER B 245 -24.52 -31.30 -3.05
N GLN B 246 -25.37 -30.32 -3.34
CA GLN B 246 -25.23 -29.58 -4.59
C GLN B 246 -23.89 -28.83 -4.62
N ILE B 247 -23.23 -28.81 -5.77
CA ILE B 247 -22.07 -27.95 -5.95
C ILE B 247 -22.35 -26.93 -7.04
N LYS B 248 -22.48 -25.68 -6.63
CA LYS B 248 -22.91 -24.60 -7.51
C LYS B 248 -21.68 -23.90 -8.04
N VAL B 249 -21.65 -23.76 -9.36
CA VAL B 249 -20.64 -23.01 -10.03
C VAL B 249 -21.34 -21.68 -10.34
N LEU B 250 -20.90 -20.63 -9.65
CA LEU B 250 -21.61 -19.36 -9.69
C LEU B 250 -20.78 -18.24 -10.28
N GLU B 251 -21.46 -17.26 -10.85
CA GLU B 251 -20.82 -16.17 -11.52
C GLU B 251 -21.18 -14.90 -10.75
N PRO B 252 -20.46 -13.79 -10.99
CA PRO B 252 -20.84 -12.62 -10.22
C PRO B 252 -22.30 -12.19 -10.44
N PHE B 253 -22.84 -12.36 -11.65
CA PHE B 253 -24.26 -12.06 -11.89
C PHE B 253 -25.24 -12.78 -10.93
N ASP B 254 -24.76 -13.83 -10.26
CA ASP B 254 -25.58 -14.67 -9.37
C ASP B 254 -25.58 -14.13 -7.93
N PHE B 255 -24.79 -13.09 -7.69
CA PHE B 255 -24.70 -12.46 -6.37
C PHE B 255 -25.34 -11.06 -6.37
C2 5RP C . 12.33 12.86 -1.33
C3 5RP C . 12.06 14.04 -0.44
C5 5RP C . 11.94 15.32 -0.84
O13 5RP C . 11.70 16.29 0.08
C6 5RP C . 12.10 15.71 -2.28
O14 5RP C . 12.97 14.80 -3.00
C7 5RP C . 12.66 17.15 -2.37
O8 5RP C . 14.04 17.23 -1.97
P9 5RP C . 14.93 18.55 -2.17
O12 5RP C . 16.31 17.93 -2.37
O11 5RP C . 14.70 19.35 -0.91
O10 5RP C . 14.43 19.25 -3.41
O4 5RP C . 11.92 13.76 0.85
O1 5RP C . 12.22 11.67 -0.54
K K D . -2.32 -1.08 -3.10
CL CL E . 14.82 30.46 20.20
C2 5RP F . -6.78 -16.00 4.22
C3 5RP F . -7.00 -16.89 3.05
C5 5RP F . -8.20 -17.39 2.63
O13 5RP F . -8.33 -18.19 1.56
C6 5RP F . -9.46 -17.10 3.39
O14 5RP F . -9.10 -16.76 4.73
C7 5RP F . -10.34 -18.37 3.37
O8 5RP F . -9.89 -19.33 4.33
P9 5RP F . -10.52 -20.82 4.54
O12 5RP F . -9.52 -21.35 5.54
O11 5RP F . -10.56 -21.47 3.18
O10 5RP F . -11.91 -20.65 5.14
O4 5RP F . -5.88 -17.18 2.41
O1 5RP F . -5.48 -15.44 4.04
K K G . -1.72 3.45 0.95
#